data_1M33
#
_entry.id   1M33
#
_cell.length_a   75.210
_cell.length_b   75.210
_cell.length_c   49.256
_cell.angle_alpha   90.00
_cell.angle_beta   90.00
_cell.angle_gamma   90.00
#
_symmetry.space_group_name_H-M   'P 43'
#
loop_
_entity.id
_entity.type
_entity.pdbx_description
1 polymer 'BioH protein'
2 non-polymer '3-HYDROXY-PROPANOIC ACID'
3 non-polymer 1,2-ETHANEDIOL
4 water water
#
_entity_poly.entity_id   1
_entity_poly.type   'polypeptide(L)'
_entity_poly.pdbx_seq_one_letter_code
;(MSE)NNIWWQTKGQGNVHLVLLHGWGLNAEVWRCIDEELSSHFTLHLVDLPGFGRSRGFGALSLAD(MSE)AEAVLQQA
PDKAIWLGWSLGGLVASQIALTHPERVRALVTVASSPCFSARDEWPGIKPDVLAGFQQQLSDDQQRTVERFLALQT
(MSE)GTETARQDARALKKTVLALP(MSE)PEVDVLNGGLEILKTVDLRQPLQNVS(MSE)PFLRLYGYLDGLVPRKVVP
(MSE)LDKLWPHSESYIFAKAAHAPFISHPAEFCHLLVALKQRVGS
;
_entity_poly.pdbx_strand_id   A
#
# COMPACT_ATOMS: atom_id res chain seq x y z
N ASN A 3 -14.84 7.73 -12.57
N ASN A 3 -14.35 10.10 -10.54
CA ASN A 3 -14.04 8.63 -11.71
CA ASN A 3 -14.28 8.88 -11.41
C ASN A 3 -13.42 7.70 -10.63
C ASN A 3 -13.67 7.81 -10.47
N ILE A 4 -12.71 8.21 -9.66
CA ILE A 4 -12.25 7.35 -8.60
C ILE A 4 -13.22 7.29 -7.43
N TRP A 5 -13.50 6.07 -6.96
CA TRP A 5 -14.34 5.88 -5.78
C TRP A 5 -13.62 6.40 -4.55
N TRP A 6 -14.26 7.34 -3.85
CA TRP A 6 -13.59 8.11 -2.78
C TRP A 6 -14.58 8.38 -1.65
N GLN A 7 -14.38 7.78 -0.49
CA GLN A 7 -15.29 8.01 0.65
C GLN A 7 -14.54 8.81 1.69
N THR A 8 -15.17 9.86 2.23
CA THR A 8 -14.59 10.63 3.36
C THR A 8 -15.43 10.34 4.62
N LYS A 9 -14.80 10.07 5.75
CA LYS A 9 -15.44 9.76 7.00
C LYS A 9 -14.77 10.61 8.05
N GLY A 10 -15.52 11.10 9.01
CA GLY A 10 -14.91 11.91 10.06
C GLY A 10 -14.75 13.37 9.69
N GLN A 11 -14.48 14.19 10.68
CA GLN A 11 -14.41 15.65 10.47
C GLN A 11 -13.20 16.29 11.20
N GLY A 12 -12.19 15.48 11.46
CA GLY A 12 -10.98 15.95 12.15
C GLY A 12 -10.20 17.00 11.35
N ASN A 13 -9.43 17.83 12.07
CA ASN A 13 -8.58 18.87 11.47
C ASN A 13 -7.43 18.39 10.57
N VAL A 14 -7.01 17.13 10.74
CA VAL A 14 -5.94 16.60 9.90
C VAL A 14 -6.56 15.56 8.97
N HIS A 15 -6.30 15.72 7.68
CA HIS A 15 -6.73 14.75 6.67
C HIS A 15 -5.76 13.59 6.60
N LEU A 16 -6.29 12.37 6.44
CA LEU A 16 -5.49 11.18 6.28
C LEU A 16 -6.10 10.39 5.12
N VAL A 17 -5.27 10.16 4.09
CA VAL A 17 -5.66 9.40 2.90
C VAL A 17 -5.06 8.02 2.98
N LEU A 18 -5.91 6.99 2.88
CA LEU A 18 -5.47 5.61 2.94
C LEU A 18 -5.51 4.99 1.55
N LEU A 19 -4.40 4.42 1.11
CA LEU A 19 -4.31 3.79 -0.22
C LEU A 19 -3.95 2.33 -0.06
N HIS A 20 -4.81 1.45 -0.56
CA HIS A 20 -4.66 0.01 -0.45
C HIS A 20 -3.62 -0.59 -1.44
N GLY A 21 -3.45 -1.88 -1.30
CA GLY A 21 -2.48 -2.64 -2.10
C GLY A 21 -3.07 -3.33 -3.33
N TRP A 22 -2.20 -4.05 -4.05
CA TRP A 22 -2.63 -4.64 -5.26
C TRP A 22 -3.77 -5.65 -5.11
N GLY A 23 -4.78 -5.56 -5.95
CA GLY A 23 -5.83 -6.52 -5.96
C GLY A 23 -6.93 -6.23 -4.97
N LEU A 24 -6.72 -5.29 -4.08
CA LEU A 24 -7.73 -5.01 -3.03
C LEU A 24 -8.52 -3.71 -3.32
N ASN A 25 -9.15 -3.15 -2.29
CA ASN A 25 -10.01 -2.01 -2.48
C ASN A 25 -10.15 -1.41 -1.09
N ALA A 26 -10.93 -0.33 -0.97
CA ALA A 26 -10.96 0.45 0.29
C ALA A 26 -11.67 -0.32 1.41
N GLU A 27 -12.42 -1.36 1.08
CA GLU A 27 -13.09 -2.17 2.10
C GLU A 27 -12.07 -2.89 3.01
N VAL A 28 -10.80 -2.97 2.62
CA VAL A 28 -9.81 -3.58 3.52
C VAL A 28 -9.61 -2.78 4.84
N TRP A 29 -9.98 -1.51 4.83
CA TRP A 29 -9.78 -0.63 5.97
C TRP A 29 -10.90 -0.66 7.04
N ARG A 30 -11.92 -1.47 6.81
CA ARG A 30 -13.10 -1.44 7.69
C ARG A 30 -12.81 -1.89 9.14
N CYS A 31 -11.65 -2.54 9.37
N CYS A 31 -11.71 -2.59 9.32
CA CYS A 31 -11.13 -2.98 10.71
CA CYS A 31 -11.16 -2.92 10.63
C CYS A 31 -10.54 -1.83 11.53
C CYS A 31 -10.91 -1.68 11.49
N ILE A 32 -10.25 -0.70 10.88
CA ILE A 32 -9.66 0.45 11.61
C ILE A 32 -10.37 1.79 11.28
N ASP A 33 -11.35 1.79 10.40
CA ASP A 33 -11.84 3.08 9.91
C ASP A 33 -12.66 3.80 10.97
N GLU A 34 -13.37 3.08 11.85
CA GLU A 34 -14.14 3.81 12.88
C GLU A 34 -13.17 4.57 13.84
N GLU A 35 -12.10 3.88 14.24
CA GLU A 35 -11.15 4.51 15.15
C GLU A 35 -10.43 5.65 14.49
N LEU A 36 -9.89 5.43 13.29
CA LEU A 36 -9.17 6.50 12.60
C LEU A 36 -10.08 7.69 12.28
N SER A 37 -11.35 7.47 11.93
CA SER A 37 -12.24 8.63 11.63
C SER A 37 -12.61 9.45 12.87
N SER A 38 -12.27 8.96 14.06
CA SER A 38 -12.49 9.70 15.27
C SER A 38 -11.34 10.71 15.55
N HIS A 39 -10.25 10.55 14.83
CA HIS A 39 -9.04 11.40 14.94
C HIS A 39 -8.74 12.23 13.72
N PHE A 40 -9.23 11.83 12.57
CA PHE A 40 -8.86 12.43 11.27
C PHE A 40 -10.13 12.68 10.46
N THR A 41 -10.02 13.50 9.45
CA THR A 41 -10.91 13.39 8.30
C THR A 41 -10.21 12.31 7.43
N LEU A 42 -10.88 11.18 7.29
CA LEU A 42 -10.35 9.98 6.68
C LEU A 42 -10.88 9.84 5.28
N HIS A 43 -9.97 9.65 4.35
CA HIS A 43 -10.32 9.43 2.94
C HIS A 43 -9.93 7.99 2.56
N LEU A 44 -10.94 7.25 2.14
CA LEU A 44 -10.79 5.86 1.77
C LEU A 44 -10.98 5.78 0.25
N VAL A 45 -9.98 5.28 -0.46
CA VAL A 45 -9.94 5.40 -1.93
C VAL A 45 -9.86 3.99 -2.56
N ASP A 46 -10.57 3.74 -3.64
CA ASP A 46 -10.32 2.58 -4.51
C ASP A 46 -9.29 3.12 -5.57
N LEU A 47 -8.10 2.55 -5.59
CA LEU A 47 -7.11 2.94 -6.60
C LEU A 47 -7.68 2.77 -8.01
N PRO A 48 -7.27 3.61 -8.96
CA PRO A 48 -7.76 3.53 -10.32
C PRO A 48 -7.71 2.12 -10.93
N GLY A 49 -8.85 1.59 -11.37
CA GLY A 49 -8.95 0.23 -11.92
C GLY A 49 -9.33 -0.86 -10.92
N PHE A 50 -9.19 -0.59 -9.61
CA PHE A 50 -9.50 -1.51 -8.52
C PHE A 50 -10.86 -1.14 -7.88
N GLY A 51 -11.47 -2.09 -7.27
CA GLY A 51 -12.73 -1.93 -6.54
C GLY A 51 -13.77 -1.32 -7.46
N ARG A 52 -14.29 -0.20 -7.00
CA ARG A 52 -15.34 0.55 -7.70
C ARG A 52 -14.84 1.63 -8.64
N SER A 53 -13.53 1.75 -8.80
CA SER A 53 -12.93 2.77 -9.66
C SER A 53 -12.70 2.18 -11.03
N ARG A 54 -13.76 1.87 -11.76
N ARG A 54 -13.81 1.89 -11.70
CA ARG A 54 -13.63 0.96 -12.91
CA ARG A 54 -13.81 1.15 -12.94
C ARG A 54 -13.51 1.68 -14.28
C ARG A 54 -13.54 2.12 -14.08
N GLY A 55 -13.17 2.96 -14.25
N GLY A 55 -13.01 1.58 -15.16
CA GLY A 55 -13.00 3.72 -15.48
CA GLY A 55 -13.00 2.34 -16.37
C GLY A 55 -11.55 3.86 -15.95
C GLY A 55 -11.67 2.96 -16.59
N PHE A 56 -10.74 2.84 -15.63
N PHE A 56 -10.72 2.61 -15.73
CA PHE A 56 -9.30 2.82 -15.97
C PHE A 56 -8.80 1.46 -16.38
N GLY A 57 -7.81 1.44 -17.26
CA GLY A 57 -7.03 0.24 -17.51
C GLY A 57 -5.69 0.29 -16.82
N ALA A 58 -4.69 -0.40 -17.38
CA ALA A 58 -3.30 -0.28 -16.91
C ALA A 58 -2.88 1.18 -16.96
N LEU A 59 -2.16 1.58 -15.94
CA LEU A 59 -1.59 2.87 -15.76
C LEU A 59 -0.14 2.76 -15.35
N SER A 60 0.67 3.69 -15.79
CA SER A 60 1.92 3.98 -15.11
C SER A 60 1.74 4.42 -13.66
N LEU A 61 2.75 4.23 -12.81
CA LEU A 61 2.71 4.77 -11.47
C LEU A 61 2.44 6.29 -11.45
N ALA A 62 3.04 7.00 -12.41
CA ALA A 62 2.86 8.48 -12.44
C ALA A 62 1.42 8.82 -12.77
N ASP A 63 0.81 8.09 -13.65
CA ASP A 63 -0.57 8.37 -14.11
C ASP A 63 -1.60 7.96 -13.03
N ALA A 65 -0.90 7.98 -9.78
CA ALA A 65 -0.80 8.97 -8.73
C ALA A 65 -1.47 10.30 -9.11
N GLU A 66 -1.38 10.69 -10.36
CA GLU A 66 -2.04 11.93 -10.87
C GLU A 66 -3.57 11.78 -10.74
N ALA A 67 -4.09 10.64 -11.14
CA ALA A 67 -5.54 10.34 -11.02
C ALA A 67 -6.04 10.39 -9.54
N VAL A 68 -5.25 9.86 -8.60
CA VAL A 68 -5.55 9.92 -7.18
C VAL A 68 -5.48 11.35 -6.67
N LEU A 69 -4.45 12.08 -7.06
CA LEU A 69 -4.29 13.40 -6.53
C LEU A 69 -5.42 14.37 -6.94
N GLN A 70 -6.02 14.11 -8.10
CA GLN A 70 -7.07 14.97 -8.67
C GLN A 70 -8.26 15.17 -7.72
N GLN A 71 -8.55 14.20 -6.87
CA GLN A 71 -9.71 14.20 -6.03
C GLN A 71 -9.33 14.42 -4.55
N ALA A 72 -8.05 14.62 -4.28
CA ALA A 72 -7.58 14.71 -2.90
C ALA A 72 -7.75 16.07 -2.27
N PRO A 73 -7.68 16.11 -0.94
CA PRO A 73 -7.65 17.36 -0.20
C PRO A 73 -6.37 18.11 -0.46
N ASP A 74 -6.35 19.38 -0.15
CA ASP A 74 -5.17 20.21 -0.38
C ASP A 74 -3.94 19.62 0.31
N LYS A 75 -4.07 19.34 1.61
CA LYS A 75 -2.94 18.82 2.39
C LYS A 75 -3.42 17.67 3.24
N ALA A 76 -2.58 16.63 3.32
CA ALA A 76 -2.95 15.47 4.11
C ALA A 76 -1.77 14.64 4.48
N ILE A 77 -1.92 13.76 5.48
CA ILE A 77 -1.00 12.64 5.63
C ILE A 77 -1.43 11.61 4.58
N TRP A 78 -0.47 11.08 3.87
CA TRP A 78 -0.72 10.07 2.82
C TRP A 78 -0.12 8.78 3.32
N LEU A 79 -0.98 7.75 3.38
CA LEU A 79 -0.62 6.43 3.82
C LEU A 79 -0.89 5.46 2.75
N GLY A 80 0.15 4.69 2.38
CA GLY A 80 0.02 3.73 1.33
C GLY A 80 0.50 2.38 1.80
N TRP A 81 -0.30 1.37 1.52
CA TRP A 81 0.00 -0.06 1.84
C TRP A 81 0.41 -0.73 0.57
N SER A 82 1.63 -1.27 0.56
CA SER A 82 2.15 -2.09 -0.54
C SER A 82 2.23 -1.30 -1.82
N LEU A 83 1.52 -1.69 -2.88
CA LEU A 83 1.45 -0.85 -4.09
C LEU A 83 0.99 0.61 -3.77
N GLY A 84 0.04 0.73 -2.84
CA GLY A 84 -0.35 2.02 -2.37
C GLY A 84 0.77 2.87 -1.88
N GLY A 85 1.75 2.23 -1.24
CA GLY A 85 2.91 2.94 -0.75
C GLY A 85 3.70 3.57 -1.86
N LEU A 86 3.83 2.90 -2.98
CA LEU A 86 4.47 3.49 -4.19
C LEU A 86 3.67 4.70 -4.70
N VAL A 87 2.37 4.61 -4.68
CA VAL A 87 1.48 5.73 -5.16
C VAL A 87 1.69 6.92 -4.22
N ALA A 88 1.62 6.71 -2.90
CA ALA A 88 1.86 7.80 -1.95
C ALA A 88 3.27 8.41 -2.10
N SER A 89 4.26 7.52 -2.28
CA SER A 89 5.64 7.96 -2.48
C SER A 89 5.78 8.86 -3.72
N GLN A 90 5.14 8.48 -4.80
CA GLN A 90 5.15 9.26 -6.04
C GLN A 90 4.48 10.65 -5.88
N ILE A 91 3.39 10.70 -5.12
CA ILE A 91 2.78 11.96 -4.76
C ILE A 91 3.70 12.82 -3.90
N ALA A 92 4.32 12.24 -2.89
CA ALA A 92 5.26 12.97 -2.09
C ALA A 92 6.44 13.53 -2.89
N LEU A 93 6.90 12.79 -3.92
CA LEU A 93 7.96 13.24 -4.77
C LEU A 93 7.60 14.38 -5.72
N THR A 94 6.39 14.34 -6.24
CA THR A 94 5.93 15.30 -7.23
C THR A 94 5.23 16.55 -6.71
N HIS A 95 4.54 16.38 -5.60
CA HIS A 95 3.72 17.43 -4.98
C HIS A 95 3.94 17.48 -3.49
N PRO A 96 5.18 17.70 -3.05
CA PRO A 96 5.46 17.64 -1.62
C PRO A 96 4.63 18.61 -0.80
N GLU A 97 4.21 19.74 -1.39
N GLU A 97 4.24 19.75 -1.39
CA GLU A 97 3.38 20.73 -0.70
CA GLU A 97 3.33 20.72 -0.78
C GLU A 97 1.96 20.22 -0.38
C GLU A 97 2.06 20.09 -0.24
N ARG A 98 1.57 19.08 -0.95
CA ARG A 98 0.28 18.47 -0.67
C ARG A 98 0.40 17.43 0.46
N VAL A 99 1.62 17.13 0.93
CA VAL A 99 1.87 15.97 1.79
C VAL A 99 2.46 16.40 3.12
N ARG A 100 1.66 16.29 4.20
CA ARG A 100 2.12 16.64 5.55
C ARG A 100 3.06 15.58 6.13
N ALA A 101 2.80 14.31 5.78
CA ALA A 101 3.64 13.23 6.16
C ALA A 101 3.37 12.09 5.17
N LEU A 102 4.41 11.33 4.92
CA LEU A 102 4.36 10.12 4.04
C LEU A 102 4.47 8.92 4.97
N VAL A 103 3.51 7.98 4.88
CA VAL A 103 3.55 6.76 5.70
C VAL A 103 3.42 5.60 4.71
N THR A 104 4.41 4.72 4.68
CA THR A 104 4.31 3.52 3.87
C THR A 104 4.20 2.34 4.82
N VAL A 105 3.38 1.38 4.42
CA VAL A 105 3.13 0.20 5.23
C VAL A 105 3.36 -1.01 4.37
N ALA A 106 4.30 -1.83 4.82
CA ALA A 106 4.63 -3.10 4.17
C ALA A 106 4.90 -2.86 2.69
N SER A 107 5.72 -1.87 2.43
CA SER A 107 6.00 -1.47 1.07
C SER A 107 7.53 -1.30 0.95
N SER A 108 7.98 -1.43 -0.27
CA SER A 108 9.38 -1.32 -0.65
C SER A 108 9.46 -0.25 -1.76
N PRO A 109 10.57 0.51 -1.83
CA PRO A 109 10.81 1.40 -2.96
C PRO A 109 11.16 0.64 -4.22
N CYS A 110 11.45 -0.65 -4.12
CA CYS A 110 11.85 -1.44 -5.28
C CYS A 110 11.54 -2.90 -4.95
N PHE A 111 10.34 -3.29 -5.30
CA PHE A 111 9.82 -4.60 -4.90
C PHE A 111 10.60 -5.74 -5.50
N SER A 112 11.20 -5.51 -6.68
CA SER A 112 11.98 -6.56 -7.33
C SER A 112 13.40 -6.65 -6.78
N ALA A 113 13.86 -7.89 -6.56
CA ALA A 113 15.26 -8.08 -6.22
C ALA A 113 16.18 -7.61 -7.37
N ARG A 114 17.25 -6.96 -7.01
N ARG A 114 17.33 -7.02 -7.01
CA ARG A 114 18.17 -6.54 -8.02
CA ARG A 114 18.27 -6.29 -7.92
C ARG A 114 19.50 -7.04 -7.45
C ARG A 114 19.72 -6.20 -7.34
N ASP A 115 20.49 -7.16 -8.31
N ASP A 115 20.78 -5.91 -8.11
CA ASP A 115 21.88 -7.31 -7.91
CA ASP A 115 22.10 -6.24 -7.56
C ASP A 115 21.99 -7.45 -6.40
C ASP A 115 22.22 -5.84 -6.06
N GLU A 116 22.25 -6.33 -5.72
N GLU A 116 22.46 -6.85 -5.20
CA GLU A 116 22.63 -6.32 -4.30
CA GLU A 116 22.62 -6.72 -3.74
C GLU A 116 21.50 -5.71 -3.41
C GLU A 116 21.33 -6.29 -2.99
N TRP A 117 20.27 -6.10 -3.74
CA TRP A 117 19.08 -5.52 -3.20
C TRP A 117 18.04 -6.64 -3.04
N PRO A 118 17.58 -6.90 -1.79
CA PRO A 118 16.57 -7.92 -1.49
C PRO A 118 15.19 -7.57 -1.98
N GLY A 119 14.43 -8.59 -2.36
CA GLY A 119 13.10 -8.38 -2.88
C GLY A 119 12.57 -9.63 -3.55
N ILE A 120 11.58 -9.46 -4.43
CA ILE A 120 10.97 -10.57 -5.18
C ILE A 120 11.72 -10.77 -6.50
N LYS A 121 12.00 -11.98 -6.91
CA LYS A 121 12.64 -12.16 -8.22
C LYS A 121 11.76 -11.60 -9.37
N PRO A 122 12.32 -10.77 -10.25
CA PRO A 122 11.49 -10.15 -11.30
C PRO A 122 10.81 -11.26 -12.11
N ASP A 123 11.50 -12.41 -12.29
CA ASP A 123 10.95 -13.51 -13.11
C ASP A 123 9.73 -14.13 -12.46
N VAL A 124 9.63 -13.98 -11.13
CA VAL A 124 8.47 -14.40 -10.33
C VAL A 124 7.22 -13.56 -10.57
N LEU A 125 7.40 -12.26 -10.53
CA LEU A 125 6.34 -11.34 -10.88
C LEU A 125 5.90 -11.51 -12.32
N ALA A 126 6.84 -11.73 -13.24
CA ALA A 126 6.52 -11.91 -14.69
C ALA A 126 5.74 -13.21 -14.89
N GLY A 127 6.08 -14.21 -14.09
CA GLY A 127 5.29 -15.42 -13.97
C GLY A 127 3.85 -15.19 -13.56
N PHE A 128 3.58 -14.48 -12.46
CA PHE A 128 2.22 -14.08 -12.02
C PHE A 128 1.54 -13.35 -13.14
N GLN A 129 2.24 -12.49 -13.85
CA GLN A 129 1.56 -11.67 -14.89
C GLN A 129 1.00 -12.61 -15.95
N GLN A 130 1.80 -13.56 -16.38
CA GLN A 130 1.33 -14.49 -17.42
C GLN A 130 0.16 -15.33 -16.93
N GLN A 131 0.24 -15.79 -15.69
CA GLN A 131 -0.83 -16.65 -15.12
C GLN A 131 -2.21 -15.98 -14.94
N LEU A 132 -2.25 -14.66 -14.89
CA LEU A 132 -3.52 -13.93 -14.95
C LEU A 132 -4.37 -14.26 -16.16
N SER A 133 -3.73 -14.62 -17.28
CA SER A 133 -4.50 -14.87 -18.52
C SER A 133 -4.93 -16.30 -18.65
N ASP A 134 -4.39 -17.12 -17.78
CA ASP A 134 -4.84 -18.49 -17.67
C ASP A 134 -6.04 -18.44 -16.67
N ASP A 135 -5.80 -17.94 -15.46
CA ASP A 135 -6.84 -17.97 -14.40
C ASP A 135 -6.69 -16.83 -13.43
N GLN A 136 -7.35 -15.69 -13.70
CA GLN A 136 -7.08 -14.47 -12.95
C GLN A 136 -7.46 -14.62 -11.49
N GLN A 137 -8.59 -15.30 -11.21
CA GLN A 137 -9.04 -15.56 -9.82
C GLN A 137 -7.98 -16.21 -8.96
N ARG A 138 -7.56 -17.39 -9.38
CA ARG A 138 -6.55 -18.21 -8.69
C ARG A 138 -5.21 -17.49 -8.49
N THR A 139 -4.82 -16.73 -9.50
CA THR A 139 -3.57 -16.01 -9.44
C THR A 139 -3.68 -14.89 -8.41
N VAL A 140 -4.77 -14.09 -8.45
CA VAL A 140 -5.00 -13.04 -7.47
C VAL A 140 -5.07 -13.60 -6.05
N GLU A 141 -5.75 -14.74 -5.89
N GLU A 141 -5.81 -14.70 -5.89
CA GLU A 141 -5.88 -15.35 -4.57
CA GLU A 141 -6.01 -15.26 -4.58
C GLU A 141 -4.54 -15.91 -4.05
C GLU A 141 -4.68 -15.78 -4.02
N ARG A 142 -3.68 -16.38 -4.96
N ARG A 142 -3.88 -16.43 -4.87
CA ARG A 142 -2.33 -16.80 -4.58
CA ARG A 142 -2.59 -16.96 -4.42
C ARG A 142 -1.48 -15.62 -4.09
C ARG A 142 -1.83 -15.88 -3.66
N PHE A 143 -1.38 -14.57 -4.90
N PHE A 143 -1.98 -14.64 -4.09
CA PHE A 143 -0.58 -13.39 -4.55
CA PHE A 143 -1.18 -13.55 -3.55
C PHE A 143 -1.10 -12.88 -3.22
C PHE A 143 -1.69 -13.09 -2.17
N LEU A 144 -2.42 -12.80 -3.10
N LEU A 144 -3.01 -13.02 -2.00
CA LEU A 144 -3.05 -12.33 -1.86
CA LEU A 144 -3.57 -12.56 -0.74
C LEU A 144 -2.76 -13.22 -0.64
C LEU A 144 -3.30 -13.64 0.33
N ALA A 145 -2.86 -14.53 -0.77
N ALA A 145 -3.19 -14.89 -0.11
CA ALA A 145 -2.71 -15.40 0.42
CA ALA A 145 -2.57 -15.89 0.73
C ALA A 145 -1.26 -15.45 0.96
C ALA A 145 -1.11 -15.56 1.07
N LEU A 146 -0.32 -14.91 0.21
CA LEU A 146 1.10 -14.74 0.63
C LEU A 146 1.26 -13.66 1.76
N GLN A 147 0.19 -12.93 2.00
CA GLN A 147 0.30 -11.65 2.71
C GLN A 147 0.11 -11.86 4.19
N THR A 148 -0.48 -12.96 4.65
CA THR A 148 -0.73 -13.13 6.07
C THR A 148 -0.03 -14.27 6.71
N GLY A 150 2.20 -16.88 8.50
CA GLY A 150 3.16 -16.97 9.56
C GLY A 150 2.67 -16.33 10.84
N THR A 151 1.56 -15.61 10.81
CA THR A 151 1.11 -14.93 12.03
C THR A 151 0.15 -15.78 12.81
N GLU A 152 -0.10 -15.37 14.06
CA GLU A 152 -1.01 -16.12 14.97
C GLU A 152 -2.45 -16.20 14.41
N THR A 153 -2.80 -15.20 13.62
CA THR A 153 -4.17 -15.06 13.05
C THR A 153 -4.16 -15.29 11.52
N ALA A 154 -3.20 -16.08 11.03
CA ALA A 154 -2.97 -16.13 9.59
C ALA A 154 -4.22 -16.52 8.80
N ARG A 155 -4.93 -17.52 9.30
CA ARG A 155 -6.06 -18.05 8.54
C ARG A 155 -7.22 -17.04 8.52
N GLN A 156 -7.56 -16.48 9.66
CA GLN A 156 -8.63 -15.46 9.77
C GLN A 156 -8.32 -14.20 8.97
N ASP A 157 -7.07 -13.78 8.94
CA ASP A 157 -6.67 -12.60 8.18
C ASP A 157 -6.73 -12.84 6.68
N ALA A 158 -6.34 -14.04 6.24
CA ALA A 158 -6.41 -14.36 4.82
C ALA A 158 -7.86 -14.39 4.38
N ARG A 159 -8.70 -14.91 5.25
CA ARG A 159 -10.13 -14.99 5.05
C ARG A 159 -10.69 -13.57 4.86
N ALA A 160 -10.20 -12.68 5.71
CA ALA A 160 -10.64 -11.29 5.67
C ALA A 160 -10.22 -10.58 4.40
N LEU A 161 -8.97 -10.77 3.95
N LEU A 161 -9.00 -10.83 3.93
CA LEU A 161 -8.53 -10.28 2.66
CA LEU A 161 -8.53 -10.28 2.66
C LEU A 161 -9.41 -10.81 1.53
C LEU A 161 -9.18 -10.85 1.41
N LYS A 162 -9.56 -12.12 1.46
CA LYS A 162 -10.32 -12.73 0.39
C LYS A 162 -11.78 -12.17 0.34
N LYS A 163 -12.43 -12.04 1.48
CA LYS A 163 -13.73 -11.43 1.59
C LYS A 163 -13.75 -10.03 0.95
N THR A 164 -12.73 -9.23 1.21
CA THR A 164 -12.56 -7.92 0.52
C THR A 164 -12.54 -8.00 -0.98
N VAL A 165 -11.71 -8.87 -1.51
CA VAL A 165 -11.55 -8.93 -2.97
C VAL A 165 -12.89 -9.41 -3.54
N LEU A 166 -13.53 -10.34 -2.83
CA LEU A 166 -14.76 -10.93 -3.37
C LEU A 166 -16.02 -10.10 -3.15
N ALA A 167 -15.94 -9.04 -2.35
CA ALA A 167 -17.13 -8.20 -2.12
C ALA A 167 -17.48 -7.22 -3.29
N LEU A 168 -16.58 -7.02 -4.20
CA LEU A 168 -16.73 -6.15 -5.36
C LEU A 168 -16.35 -6.91 -6.63
N PRO A 169 -16.78 -6.46 -7.80
CA PRO A 169 -16.38 -7.13 -9.03
C PRO A 169 -14.86 -7.17 -9.12
N PRO A 171 -11.21 -6.71 -10.61
CA PRO A 171 -10.55 -5.78 -11.53
C PRO A 171 -10.30 -6.50 -12.87
N GLU A 172 -10.32 -5.73 -13.94
CA GLU A 172 -10.00 -6.27 -15.28
C GLU A 172 -8.55 -6.75 -15.29
N VAL A 173 -8.24 -7.68 -16.19
CA VAL A 173 -6.94 -8.31 -16.17
C VAL A 173 -5.86 -7.35 -16.54
N ASP A 174 -6.13 -6.37 -17.38
CA ASP A 174 -5.07 -5.41 -17.69
C ASP A 174 -4.68 -4.53 -16.49
N VAL A 175 -5.66 -4.21 -15.65
CA VAL A 175 -5.42 -3.51 -14.43
C VAL A 175 -4.48 -4.32 -13.52
N LEU A 176 -4.83 -5.60 -13.37
CA LEU A 176 -4.03 -6.44 -12.52
C LEU A 176 -2.65 -6.61 -13.08
N ASN A 177 -2.52 -6.79 -14.41
CA ASN A 177 -1.24 -6.98 -15.00
C ASN A 177 -0.39 -5.72 -14.85
N GLY A 178 -1.01 -4.55 -15.11
CA GLY A 178 -0.34 -3.29 -14.95
C GLY A 178 0.17 -3.04 -13.57
N GLY A 179 -0.62 -3.39 -12.54
CA GLY A 179 -0.20 -3.24 -11.19
C GLY A 179 1.04 -4.08 -10.85
N LEU A 180 1.07 -5.32 -11.33
CA LEU A 180 2.23 -6.16 -11.16
C LEU A 180 3.45 -5.57 -11.88
N GLU A 181 3.22 -4.92 -13.02
CA GLU A 181 4.30 -4.30 -13.78
C GLU A 181 4.90 -3.17 -12.99
N ILE A 182 4.06 -2.37 -12.31
CA ILE A 182 4.52 -1.29 -11.39
C ILE A 182 5.43 -1.96 -10.37
N LEU A 183 4.93 -3.00 -9.69
CA LEU A 183 5.75 -3.59 -8.64
C LEU A 183 7.07 -4.12 -9.18
N LYS A 184 7.06 -4.74 -10.36
CA LYS A 184 8.21 -5.41 -10.93
C LYS A 184 9.32 -4.40 -11.32
N THR A 185 8.93 -3.20 -11.78
CA THR A 185 9.91 -2.31 -12.39
C THR A 185 10.21 -1.03 -11.65
N VAL A 186 9.32 -0.55 -10.79
CA VAL A 186 9.53 0.76 -10.16
C VAL A 186 10.69 0.65 -9.15
N ASP A 187 11.52 1.71 -9.11
CA ASP A 187 12.65 1.77 -8.19
C ASP A 187 12.80 3.18 -7.73
N LEU A 188 12.24 3.47 -6.56
CA LEU A 188 12.27 4.81 -5.97
C LEU A 188 13.38 4.96 -4.94
N ARG A 189 14.34 4.06 -4.91
CA ARG A 189 15.38 4.11 -3.86
C ARG A 189 16.10 5.45 -3.88
N GLN A 190 16.52 5.93 -5.04
CA GLN A 190 17.32 7.16 -5.08
C GLN A 190 16.46 8.42 -4.85
N PRO A 191 15.33 8.56 -5.54
CA PRO A 191 14.58 9.80 -5.36
C PRO A 191 13.99 10.03 -3.99
N LEU A 192 13.75 8.98 -3.22
CA LEU A 192 13.14 9.16 -1.89
C LEU A 192 14.20 9.63 -0.87
N GLN A 193 15.46 9.66 -1.27
CA GLN A 193 16.43 10.40 -0.46
C GLN A 193 16.12 11.87 -0.29
N ASN A 194 15.35 12.51 -1.19
CA ASN A 194 15.18 13.95 -1.22
C ASN A 194 13.84 14.40 -0.55
N VAL A 195 13.06 13.45 -0.08
CA VAL A 195 11.82 13.83 0.62
C VAL A 195 12.16 14.32 2.04
N SER A 196 11.51 15.40 2.42
CA SER A 196 11.83 16.22 3.59
C SER A 196 10.76 16.31 4.64
N PRO A 198 8.01 14.53 7.25
CA PRO A 198 8.09 13.28 8.03
C PRO A 198 7.78 12.07 7.16
N PHE A 199 8.63 11.03 7.25
CA PHE A 199 8.58 9.86 6.36
C PHE A 199 8.72 8.63 7.22
N LEU A 200 7.61 7.97 7.49
CA LEU A 200 7.52 6.85 8.39
C LEU A 200 7.25 5.58 7.63
N ARG A 201 8.10 4.59 7.81
CA ARG A 201 8.00 3.33 7.08
C ARG A 201 7.65 2.24 8.08
N LEU A 202 6.51 1.56 7.89
CA LEU A 202 6.07 0.49 8.79
C LEU A 202 6.27 -0.84 8.07
N TYR A 203 6.71 -1.86 8.80
CA TYR A 203 7.03 -3.16 8.24
C TYR A 203 6.51 -4.26 9.14
N GLY A 204 6.20 -5.40 8.56
CA GLY A 204 5.99 -6.60 9.36
C GLY A 204 7.23 -7.50 9.32
N TYR A 205 7.65 -7.94 10.50
CA TYR A 205 8.79 -8.83 10.62
C TYR A 205 8.68 -10.08 9.72
N LEU A 206 7.47 -10.63 9.68
CA LEU A 206 7.18 -11.89 9.01
C LEU A 206 6.79 -11.74 7.52
N ASP A 207 6.80 -10.52 7.03
CA ASP A 207 6.44 -10.22 5.63
C ASP A 207 7.28 -11.04 4.66
N GLY A 208 6.59 -11.83 3.85
CA GLY A 208 7.18 -12.61 2.80
C GLY A 208 7.36 -11.91 1.47
N LEU A 209 6.82 -10.72 1.31
CA LEU A 209 6.89 -9.98 0.04
C LEU A 209 7.91 -8.85 0.11
N VAL A 210 8.01 -8.18 1.25
CA VAL A 210 8.99 -7.12 1.54
C VAL A 210 9.88 -7.65 2.69
N PRO A 211 11.07 -8.09 2.36
CA PRO A 211 11.88 -8.82 3.33
C PRO A 211 12.41 -7.84 4.37
N ARG A 212 12.37 -8.24 5.63
CA ARG A 212 12.79 -7.34 6.72
C ARG A 212 14.25 -6.87 6.61
N LYS A 213 15.06 -7.64 5.89
N LYS A 213 15.09 -7.62 5.89
CA LYS A 213 16.41 -7.23 5.51
CA LYS A 213 16.46 -7.17 5.66
C LYS A 213 16.51 -5.78 5.02
C LYS A 213 16.58 -5.81 4.93
N VAL A 214 15.51 -5.32 4.29
CA VAL A 214 15.57 -3.96 3.65
C VAL A 214 15.60 -2.86 4.68
N VAL A 215 15.07 -3.14 5.88
CA VAL A 215 14.82 -2.06 6.82
C VAL A 215 16.08 -1.30 7.25
N PRO A 216 17.08 -1.98 7.76
CA PRO A 216 18.33 -1.27 8.13
C PRO A 216 19.03 -0.70 6.89
N LEU A 218 17.55 0.74 4.21
CA LEU A 218 16.79 1.92 3.93
C LEU A 218 16.94 2.91 5.06
N ASP A 219 17.15 2.43 6.30
CA ASP A 219 17.50 3.34 7.38
C ASP A 219 18.75 4.13 7.07
N LYS A 220 19.74 3.48 6.44
CA LYS A 220 21.02 4.14 6.11
C LYS A 220 20.87 5.01 4.84
N LEU A 221 20.15 4.45 3.86
CA LEU A 221 20.00 5.12 2.57
C LEU A 221 19.17 6.41 2.73
N TRP A 222 18.20 6.37 3.64
CA TRP A 222 17.27 7.45 3.87
C TRP A 222 17.36 7.90 5.34
N PRO A 223 18.44 8.58 5.72
CA PRO A 223 18.65 8.89 7.14
C PRO A 223 17.56 9.83 7.75
N HIS A 224 16.85 10.60 6.94
CA HIS A 224 15.74 11.40 7.43
C HIS A 224 14.48 10.62 7.74
N SER A 225 14.37 9.42 7.18
CA SER A 225 13.21 8.54 7.40
C SER A 225 13.29 7.83 8.73
N GLU A 226 12.15 7.26 9.10
CA GLU A 226 12.03 6.51 10.34
C GLU A 226 11.35 5.21 10.06
N SER A 227 11.78 4.16 10.75
CA SER A 227 11.11 2.86 10.53
C SER A 227 10.57 2.25 11.83
N TYR A 228 9.56 1.41 11.67
CA TYR A 228 8.80 0.78 12.76
C TYR A 228 8.49 -0.64 12.29
N ILE A 229 8.97 -1.66 13.02
CA ILE A 229 8.78 -3.04 12.64
C ILE A 229 7.79 -3.64 13.63
N PHE A 230 6.68 -4.17 13.13
CA PHE A 230 5.72 -4.96 13.91
C PHE A 230 6.26 -6.39 14.01
N ALA A 231 6.71 -6.81 15.20
CA ALA A 231 7.33 -8.11 15.45
C ALA A 231 6.54 -9.36 15.06
N LYS A 232 5.24 -9.29 15.15
CA LYS A 232 4.45 -10.48 14.98
C LYS A 232 3.49 -10.33 13.80
N ALA A 233 3.74 -9.37 12.94
CA ALA A 233 2.90 -9.18 11.77
C ALA A 233 3.59 -9.58 10.52
N ALA A 234 2.78 -9.89 9.49
CA ALA A 234 3.26 -10.10 8.15
C ALA A 234 3.04 -8.92 7.24
N HIS A 235 2.51 -9.11 6.04
CA HIS A 235 2.34 -7.99 5.13
C HIS A 235 1.13 -7.10 5.42
N ALA A 236 0.26 -7.48 6.36
CA ALA A 236 -0.90 -6.68 6.70
C ALA A 236 -0.96 -6.33 8.18
N PRO A 237 -0.03 -5.54 8.68
CA PRO A 237 -0.02 -5.26 10.12
C PRO A 237 -1.24 -4.56 10.67
N PHE A 238 -1.93 -3.79 9.84
CA PHE A 238 -3.13 -3.13 10.35
C PHE A 238 -4.27 -4.18 10.57
N ILE A 239 -4.17 -5.34 9.94
CA ILE A 239 -5.19 -6.39 10.14
C ILE A 239 -4.89 -7.23 11.35
N SER A 240 -3.63 -7.59 11.50
CA SER A 240 -3.19 -8.39 12.67
C SER A 240 -3.09 -7.60 13.98
N HIS A 241 -2.76 -6.31 13.86
CA HIS A 241 -2.34 -5.45 15.00
C HIS A 241 -3.03 -4.06 14.88
N PRO A 242 -4.34 -4.04 14.78
CA PRO A 242 -5.02 -2.77 14.43
C PRO A 242 -4.86 -1.70 15.49
N ALA A 243 -4.83 -2.09 16.76
CA ALA A 243 -4.76 -1.06 17.85
C ALA A 243 -3.39 -0.41 17.86
N GLU A 244 -2.35 -1.18 17.72
CA GLU A 244 -0.98 -0.69 17.66
C GLU A 244 -0.81 0.23 16.45
N PHE A 245 -1.36 -0.21 15.31
CA PHE A 245 -1.28 0.51 14.07
C PHE A 245 -1.96 1.90 14.21
N CYS A 246 -3.17 1.94 14.77
CA CYS A 246 -3.91 3.16 14.89
C CYS A 246 -3.17 4.10 15.85
N HIS A 247 -2.61 3.55 16.90
CA HIS A 247 -1.94 4.40 17.85
C HIS A 247 -0.73 5.12 17.25
N LEU A 248 -0.01 4.44 16.39
CA LEU A 248 1.15 5.04 15.73
C LEU A 248 0.67 6.27 14.87
N LEU A 249 -0.48 6.13 14.24
CA LEU A 249 -1.02 7.25 13.41
C LEU A 249 -1.50 8.43 14.27
N VAL A 250 -2.04 8.13 15.46
CA VAL A 250 -2.44 9.17 16.41
C VAL A 250 -1.23 9.94 16.94
N ALA A 251 -0.12 9.24 17.17
CA ALA A 251 1.09 9.87 17.64
C ALA A 251 1.67 10.74 16.50
N LEU A 252 1.58 10.25 15.27
CA LEU A 252 2.02 11.04 14.12
C LEU A 252 1.30 12.34 13.95
N LYS A 253 0.01 12.36 14.23
CA LYS A 253 -0.81 13.57 14.04
C LYS A 253 -0.22 14.75 14.79
N GLN A 254 0.28 14.47 15.99
CA GLN A 254 0.92 15.49 16.77
C GLN A 254 2.08 16.22 16.06
N ARG A 255 2.68 15.57 15.11
CA ARG A 255 3.91 16.04 14.43
C ARG A 255 3.59 16.73 13.09
N VAL A 256 2.32 16.87 12.80
CA VAL A 256 1.94 17.62 11.60
C VAL A 256 1.03 18.76 11.95
N GLY A 257 0.97 19.72 11.06
CA GLY A 257 0.19 20.92 11.29
C GLY A 257 -1.26 20.66 10.97
N SER A 258 -2.11 21.59 11.35
CA SER A 258 -3.52 21.50 11.05
C SER A 258 -3.95 22.73 10.20
#